data_5EAZ
#
_entry.id   5EAZ
#
_cell.length_a   65.849
_cell.length_b   90.449
_cell.length_c   66.304
_cell.angle_alpha   90.000
_cell.angle_beta   113.870
_cell.angle_gamma   90.000
#
_symmetry.space_group_name_H-M   'P 1 21 1'
#
loop_
_entity.id
_entity.type
_entity.pdbx_description
1 polymer YfiB
2 non-polymer 'SULFATE ION'
3 water water
#
_entity_poly.entity_id   1
_entity_poly.type   'polypeptide(L)'
_entity_poly.pdbx_seq_one_letter_code
;GLSAEQIAVLQEQGFELRDEGWEFGMSSKVLFGNNLDRLNPDSRNTLTKIARALLAVDIDKVRLEGHTDNYGDEGYNQKL
SERRAESVAAVFREAGMPAANIEVRGLGMSKPVADNKTRAGRSENRRVAIIVPAE
;
_entity_poly.pdbx_strand_id   A,B,C,D
#
loop_
_chem_comp.id
_chem_comp.type
_chem_comp.name
_chem_comp.formula
SO4 non-polymer 'SULFATE ION' 'O4 S -2'
#
# COMPACT_ATOMS: atom_id res chain seq x y z
N GLY A 1 8.86 8.70 -16.68
CA GLY A 1 8.08 9.83 -16.19
C GLY A 1 8.57 11.15 -16.75
N LEU A 2 7.84 12.22 -16.45
CA LEU A 2 8.16 13.56 -16.95
C LEU A 2 9.22 14.25 -16.10
N SER A 3 10.01 15.09 -16.76
CA SER A 3 11.04 15.89 -16.11
C SER A 3 10.44 17.13 -15.43
N ALA A 4 11.25 17.80 -14.63
CA ALA A 4 10.79 19.00 -13.95
C ALA A 4 10.47 20.11 -14.95
N GLU A 5 11.30 20.23 -15.99
CA GLU A 5 11.11 21.27 -17.00
C GLU A 5 9.84 21.00 -17.81
N GLN A 6 9.51 19.72 -18.01
CA GLN A 6 8.29 19.37 -18.71
C GLN A 6 7.06 19.63 -17.85
N ILE A 7 7.10 19.17 -16.60
CA ILE A 7 6.01 19.41 -15.66
C ILE A 7 5.72 20.90 -15.54
N ALA A 8 6.75 21.72 -15.52
CA ALA A 8 6.60 23.16 -15.42
C ALA A 8 5.86 23.76 -16.61
N VAL A 9 6.12 23.22 -17.79
CA VAL A 9 5.49 23.76 -19.00
C VAL A 9 4.01 23.35 -19.03
N LEU A 10 3.73 22.10 -18.71
CA LEU A 10 2.35 21.64 -18.58
C LEU A 10 1.57 22.54 -17.64
N GLN A 11 2.13 22.83 -16.46
CA GLN A 11 1.45 23.66 -15.49
C GLN A 11 1.23 25.06 -16.03
N GLU A 12 2.27 25.63 -16.65
CA GLU A 12 2.14 26.93 -17.30
C GLU A 12 1.06 26.94 -18.36
N GLN A 13 0.95 25.84 -19.09
CA GLN A 13 0.01 25.77 -20.19
C GLN A 13 -1.39 25.49 -19.69
N GLY A 14 -1.53 25.31 -18.39
CA GLY A 14 -2.85 25.17 -17.79
C GLY A 14 -3.28 23.76 -17.50
N PHE A 15 -2.37 22.80 -17.69
CA PHE A 15 -2.66 21.38 -17.47
C PHE A 15 -2.73 21.07 -15.98
N GLU A 16 -3.60 20.13 -15.61
CA GLU A 16 -3.68 19.68 -14.23
C GLU A 16 -3.56 18.17 -14.14
N LEU A 17 -2.96 17.69 -13.05
CA LEU A 17 -2.78 16.27 -12.94
C LEU A 17 -4.11 15.63 -12.56
N ARG A 18 -4.55 14.71 -13.39
CA ARG A 18 -5.78 13.99 -13.17
C ARG A 18 -5.45 12.51 -13.14
N ASP A 19 -6.46 11.67 -13.02
CA ASP A 19 -6.17 10.27 -12.76
C ASP A 19 -5.64 9.57 -14.01
N GLU A 20 -5.98 10.07 -15.20
CA GLU A 20 -5.41 9.51 -16.43
C GLU A 20 -4.11 10.18 -16.84
N GLY A 21 -3.80 11.31 -16.24
CA GLY A 21 -2.56 12.03 -16.53
C GLY A 21 -2.79 13.53 -16.51
N TRP A 22 -1.90 14.28 -17.15
CA TRP A 22 -2.08 15.72 -17.21
C TRP A 22 -3.18 16.03 -18.23
N GLU A 23 -4.13 16.87 -17.82
CA GLU A 23 -5.31 17.16 -18.62
C GLU A 23 -5.50 18.64 -18.77
N PHE A 24 -5.85 19.07 -19.97
CA PHE A 24 -6.24 20.45 -20.23
C PHE A 24 -7.50 20.44 -21.07
N GLY A 25 -8.58 20.95 -20.51
CA GLY A 25 -9.88 20.89 -21.16
C GLY A 25 -10.16 22.19 -21.89
N MET A 26 -10.81 22.08 -23.04
CA MET A 26 -11.26 23.27 -23.75
C MET A 26 -12.71 23.09 -24.16
N SER A 27 -13.55 24.09 -23.88
CA SER A 27 -14.97 24.01 -24.19
C SER A 27 -15.22 23.95 -25.70
N SER A 28 -16.21 23.16 -26.12
CA SER A 28 -16.54 23.03 -27.54
C SER A 28 -17.10 24.34 -28.13
N LYS A 29 -17.76 25.13 -27.30
CA LYS A 29 -18.23 26.43 -27.76
C LYS A 29 -17.04 27.32 -28.17
N VAL A 30 -15.99 27.33 -27.35
CA VAL A 30 -14.81 28.11 -27.74
C VAL A 30 -14.12 27.49 -28.95
N LEU A 31 -13.98 26.17 -28.96
CA LEU A 31 -13.28 25.52 -30.08
C LEU A 31 -14.04 25.67 -31.40
N PHE A 32 -15.32 25.33 -31.41
CA PHE A 32 -16.03 25.18 -32.67
C PHE A 32 -17.08 26.25 -32.95
N GLY A 33 -17.39 27.10 -31.97
CA GLY A 33 -18.41 28.12 -32.17
C GLY A 33 -19.70 27.44 -32.57
N ASN A 34 -20.26 27.84 -33.71
CA ASN A 34 -21.45 27.17 -34.25
C ASN A 34 -21.11 26.08 -35.27
N ASN A 35 -19.82 25.89 -35.55
CA ASN A 35 -19.39 24.82 -36.46
C ASN A 35 -19.65 23.40 -35.95
N LEU A 36 -19.40 22.42 -36.81
CA LEU A 36 -19.57 21.03 -36.42
C LEU A 36 -18.22 20.47 -35.93
N ASP A 37 -17.30 20.09 -36.82
CA ASP A 37 -15.95 19.78 -36.37
C ASP A 37 -14.91 20.73 -36.91
N ARG A 38 -15.34 21.74 -37.68
CA ARG A 38 -14.43 22.78 -38.13
C ARG A 38 -14.08 23.68 -36.95
N LEU A 39 -12.80 23.81 -36.68
CA LEU A 39 -12.36 24.70 -35.64
C LEU A 39 -12.49 26.12 -36.17
N ASN A 40 -12.81 27.08 -35.31
CA ASN A 40 -12.77 28.47 -35.76
C ASN A 40 -11.33 28.95 -35.70
N PRO A 41 -10.96 29.89 -36.59
CA PRO A 41 -9.54 30.17 -36.79
C PRO A 41 -8.79 30.55 -35.51
N ASP A 42 -9.44 31.31 -34.64
CA ASP A 42 -8.81 31.73 -33.39
C ASP A 42 -8.38 30.52 -32.53
N SER A 43 -9.27 29.55 -32.38
CA SER A 43 -8.96 28.31 -31.64
C SER A 43 -7.85 27.49 -32.29
N ARG A 44 -7.79 27.47 -33.62
CA ARG A 44 -6.68 26.84 -34.33
C ARG A 44 -5.39 27.47 -33.85
N ASN A 45 -5.35 28.80 -33.94
CA ASN A 45 -4.22 29.58 -33.45
C ASN A 45 -3.82 29.17 -32.01
N THR A 46 -4.77 29.24 -31.09
CA THR A 46 -4.55 28.80 -29.71
C THR A 46 -3.98 27.38 -29.58
N LEU A 47 -4.46 26.44 -30.38
CA LEU A 47 -4.02 25.04 -30.25
C LEU A 47 -2.59 24.80 -30.76
N THR A 48 -2.25 25.45 -31.87
CA THR A 48 -0.90 25.35 -32.41
C THR A 48 0.17 25.76 -31.40
N LYS A 49 -0.09 26.84 -30.67
CA LYS A 49 0.82 27.33 -29.65
C LYS A 49 1.03 26.31 -28.54
N ILE A 50 -0.06 25.65 -28.13
CA ILE A 50 0.04 24.62 -27.07
C ILE A 50 0.92 23.48 -27.56
N ALA A 51 0.65 22.99 -28.76
CA ALA A 51 1.46 21.94 -29.38
C ALA A 51 2.95 22.31 -29.39
N ARG A 52 3.25 23.51 -29.88
CA ARG A 52 4.64 23.96 -29.96
C ARG A 52 5.29 24.01 -28.58
N ALA A 53 4.57 24.56 -27.60
CA ALA A 53 5.08 24.60 -26.23
C ALA A 53 5.42 23.19 -25.75
N LEU A 54 4.52 22.23 -25.93
CA LEU A 54 4.83 20.86 -25.55
C LEU A 54 5.99 20.31 -26.35
N LEU A 55 5.98 20.58 -27.65
CA LEU A 55 7.00 20.04 -28.54
C LEU A 55 8.38 20.55 -28.18
N ALA A 56 8.46 21.83 -27.83
CA ALA A 56 9.70 22.45 -27.36
C ALA A 56 10.39 21.70 -26.21
N VAL A 57 9.67 20.90 -25.42
CA VAL A 57 10.30 20.20 -24.31
C VAL A 57 10.08 18.70 -24.39
N ASP A 58 10.00 18.21 -25.63
CA ASP A 58 9.88 16.79 -25.93
C ASP A 58 8.64 16.13 -25.36
N ILE A 59 7.57 16.89 -25.17
CA ILE A 59 6.30 16.26 -24.87
C ILE A 59 5.60 16.03 -26.22
N ASP A 60 5.79 14.86 -26.80
CA ASP A 60 5.41 14.64 -28.20
C ASP A 60 4.39 13.52 -28.34
N LYS A 61 3.79 13.10 -27.24
CA LYS A 61 2.72 12.10 -27.27
C LYS A 61 1.54 12.65 -26.50
N VAL A 62 0.37 12.66 -27.13
CA VAL A 62 -0.84 13.15 -26.47
C VAL A 62 -2.03 12.24 -26.74
N ARG A 63 -3.01 12.30 -25.85
CA ARG A 63 -4.30 11.70 -26.12
C ARG A 63 -5.35 12.83 -26.19
N LEU A 64 -6.14 12.84 -27.26
CA LEU A 64 -7.19 13.87 -27.41
C LEU A 64 -8.57 13.21 -27.29
N GLU A 65 -9.40 13.76 -26.41
CA GLU A 65 -10.66 13.13 -26.11
C GLU A 65 -11.79 14.12 -26.21
N GLY A 66 -12.76 13.81 -27.07
CA GLY A 66 -13.89 14.67 -27.29
C GLY A 66 -15.06 14.22 -26.44
N HIS A 67 -15.82 15.18 -25.91
CA HIS A 67 -17.00 14.90 -25.11
C HIS A 67 -18.18 15.75 -25.54
N THR A 68 -19.37 15.23 -25.28
CA THR A 68 -20.62 15.94 -25.48
C THR A 68 -21.46 15.88 -24.20
N ASP A 69 -22.58 16.60 -24.18
CA ASP A 69 -23.55 16.44 -23.10
C ASP A 69 -24.45 15.26 -23.44
N ASN A 70 -25.52 15.04 -22.66
CA ASN A 70 -26.34 13.84 -22.85
C ASN A 70 -27.53 14.07 -23.78
N TYR A 71 -27.59 15.26 -24.37
CA TYR A 71 -28.70 15.62 -25.25
C TYR A 71 -28.49 15.16 -26.67
N GLY A 72 -29.48 14.45 -27.21
CA GLY A 72 -29.47 14.07 -28.61
C GLY A 72 -29.17 12.60 -28.81
N ASP A 73 -28.98 12.19 -30.06
CA ASP A 73 -28.73 10.79 -30.34
C ASP A 73 -27.33 10.40 -29.87
N GLU A 74 -27.25 9.37 -29.04
CA GLU A 74 -26.00 8.89 -28.48
C GLU A 74 -24.98 8.49 -29.55
N GLY A 75 -25.45 7.88 -30.62
CA GLY A 75 -24.58 7.43 -31.68
C GLY A 75 -23.96 8.62 -32.36
N TYR A 76 -24.80 9.61 -32.64
CA TYR A 76 -24.34 10.85 -33.24
C TYR A 76 -23.37 11.63 -32.35
N ASN A 77 -23.61 11.62 -31.04
CA ASN A 77 -22.74 12.38 -30.12
C ASN A 77 -21.35 11.75 -29.99
N GLN A 78 -21.27 10.43 -30.07
CA GLN A 78 -19.98 9.72 -30.09
C GLN A 78 -19.15 10.19 -31.29
N LYS A 79 -19.75 10.05 -32.48
CA LYS A 79 -19.16 10.46 -33.74
C LYS A 79 -18.78 11.94 -33.78
N LEU A 80 -19.68 12.81 -33.34
CA LEU A 80 -19.37 14.23 -33.26
C LEU A 80 -18.14 14.45 -32.37
N SER A 81 -18.12 13.82 -31.20
CA SER A 81 -17.03 14.00 -30.23
C SER A 81 -15.69 13.46 -30.77
N GLU A 82 -15.71 12.36 -31.52
CA GLU A 82 -14.50 11.81 -32.13
C GLU A 82 -13.99 12.73 -33.23
N ARG A 83 -14.91 13.17 -34.09
CA ARG A 83 -14.56 14.09 -35.17
C ARG A 83 -13.97 15.37 -34.59
N ARG A 84 -14.56 15.88 -33.50
CA ARG A 84 -14.02 17.06 -32.85
C ARG A 84 -12.59 16.82 -32.29
N ALA A 85 -12.38 15.69 -31.60
CA ALA A 85 -11.04 15.35 -31.14
C ALA A 85 -10.06 15.22 -32.33
N GLU A 86 -10.55 14.74 -33.47
CA GLU A 86 -9.70 14.60 -34.66
C GLU A 86 -9.30 15.95 -35.23
N SER A 87 -10.19 16.93 -35.14
CA SER A 87 -9.85 18.26 -35.63
C SER A 87 -8.68 18.83 -34.87
N VAL A 88 -8.62 18.48 -33.58
CA VAL A 88 -7.53 18.93 -32.72
C VAL A 88 -6.27 18.12 -33.03
N ALA A 89 -6.40 16.84 -33.34
CA ALA A 89 -5.21 16.06 -33.73
C ALA A 89 -4.57 16.61 -34.99
N ALA A 90 -5.39 17.11 -35.91
CA ALA A 90 -4.87 17.67 -37.17
C ALA A 90 -4.06 18.94 -36.91
N VAL A 91 -4.50 19.77 -35.98
CA VAL A 91 -3.72 20.94 -35.61
C VAL A 91 -2.40 20.51 -35.02
N PHE A 92 -2.43 19.44 -34.24
CA PHE A 92 -1.23 18.96 -33.56
C PHE A 92 -0.24 18.32 -34.53
N ARG A 93 -0.75 17.55 -35.51
CA ARG A 93 0.10 17.04 -36.60
C ARG A 93 0.77 18.15 -37.38
N GLU A 94 -0.01 19.16 -37.77
CA GLU A 94 0.47 20.28 -38.56
C GLU A 94 1.51 21.11 -37.78
N ALA A 95 1.43 21.05 -36.46
CA ALA A 95 2.39 21.72 -35.60
C ALA A 95 3.65 20.87 -35.46
N GLY A 96 3.59 19.62 -35.89
CA GLY A 96 4.79 18.80 -35.96
C GLY A 96 4.83 17.59 -35.05
N MET A 97 3.73 17.32 -34.36
CA MET A 97 3.64 16.10 -33.56
C MET A 97 3.35 14.91 -34.44
N PRO A 98 4.16 13.84 -34.35
CA PRO A 98 3.98 12.66 -35.19
C PRO A 98 2.60 12.05 -35.06
N ALA A 99 2.01 11.67 -36.19
CA ALA A 99 0.67 11.10 -36.23
C ALA A 99 0.54 9.90 -35.30
N ALA A 100 1.57 9.07 -35.31
CA ALA A 100 1.54 7.84 -34.52
C ALA A 100 1.56 8.15 -33.02
N ASN A 101 1.95 9.37 -32.69
CA ASN A 101 2.03 9.80 -31.30
C ASN A 101 0.74 10.43 -30.79
N ILE A 102 -0.27 10.55 -31.64
CA ILE A 102 -1.55 11.14 -31.25
C ILE A 102 -2.65 10.10 -31.17
N GLU A 103 -3.32 10.04 -30.03
CA GLU A 103 -4.41 9.09 -29.81
C GLU A 103 -5.74 9.84 -29.69
N VAL A 104 -6.69 9.51 -30.56
CA VAL A 104 -7.99 10.18 -30.63
C VAL A 104 -9.10 9.28 -30.13
N ARG A 105 -9.95 9.82 -29.24
CA ARG A 105 -11.11 9.09 -28.74
C ARG A 105 -12.32 10.01 -28.70
N GLY A 106 -13.45 9.51 -29.16
CA GLY A 106 -14.70 10.23 -28.97
C GLY A 106 -15.49 9.56 -27.86
N LEU A 107 -15.60 10.21 -26.72
CA LEU A 107 -16.31 9.60 -25.62
C LEU A 107 -17.82 9.94 -25.57
N GLY A 108 -18.32 10.73 -26.52
CA GLY A 108 -19.72 11.12 -26.49
C GLY A 108 -20.14 11.64 -25.13
N MET A 109 -21.29 11.17 -24.63
CA MET A 109 -21.88 11.61 -23.36
C MET A 109 -21.45 10.82 -22.12
N SER A 110 -20.53 9.88 -22.28
CA SER A 110 -20.28 8.90 -21.22
C SER A 110 -19.31 9.33 -20.13
N LYS A 111 -18.63 10.46 -20.28
CA LYS A 111 -17.70 10.87 -19.24
C LYS A 111 -17.88 12.33 -18.82
N PRO A 112 -19.03 12.65 -18.23
CA PRO A 112 -19.33 14.05 -17.87
C PRO A 112 -18.48 14.54 -16.71
N VAL A 113 -18.18 15.83 -16.67
CA VAL A 113 -17.52 16.39 -15.50
C VAL A 113 -18.53 17.25 -14.75
N ALA A 114 -19.74 17.31 -15.27
CA ALA A 114 -20.77 18.12 -14.66
C ALA A 114 -22.16 17.60 -14.98
N ASP A 115 -23.16 18.27 -14.38
CA ASP A 115 -24.52 17.81 -14.37
C ASP A 115 -25.32 18.34 -15.57
N ASN A 116 -25.97 17.42 -16.28
CA ASN A 116 -26.61 17.74 -17.54
C ASN A 116 -28.00 18.35 -17.42
N LYS A 117 -28.48 18.48 -16.19
CA LYS A 117 -29.81 19.05 -15.93
C LYS A 117 -29.89 20.52 -16.33
N THR A 118 -28.77 21.22 -16.23
CA THR A 118 -28.75 22.64 -16.56
C THR A 118 -27.97 22.95 -17.83
N ARG A 119 -28.32 24.05 -18.47
CA ARG A 119 -27.55 24.47 -19.62
C ARG A 119 -26.10 24.70 -19.19
N ALA A 120 -25.89 25.29 -18.02
CA ALA A 120 -24.55 25.51 -17.51
C ALA A 120 -23.72 24.22 -17.43
N GLY A 121 -24.31 23.17 -16.88
CA GLY A 121 -23.58 21.91 -16.80
C GLY A 121 -23.33 21.31 -18.19
N ARG A 122 -24.32 21.39 -19.05
CA ARG A 122 -24.19 20.77 -20.36
C ARG A 122 -23.07 21.41 -21.18
N SER A 123 -22.94 22.72 -21.08
CA SER A 123 -21.89 23.40 -21.83
C SER A 123 -20.51 23.00 -21.31
N GLU A 124 -20.39 22.70 -20.03
CA GLU A 124 -19.10 22.28 -19.49
C GLU A 124 -18.75 20.84 -19.90
N ASN A 125 -19.76 20.02 -20.08
CA ASN A 125 -19.55 18.68 -20.60
C ASN A 125 -19.13 18.64 -22.08
N ARG A 126 -19.39 19.72 -22.79
CA ARG A 126 -19.07 19.81 -24.22
C ARG A 126 -17.67 20.39 -24.37
N ARG A 127 -16.69 19.50 -24.55
N ARG A 127 -16.72 19.51 -24.61
CA ARG A 127 -15.31 19.90 -24.47
CA ARG A 127 -15.31 19.85 -24.46
C ARG A 127 -14.41 18.89 -25.20
C ARG A 127 -14.41 18.89 -25.21
N VAL A 128 -13.20 19.33 -25.49
CA VAL A 128 -12.17 18.43 -25.95
C VAL A 128 -11.06 18.57 -24.91
N ALA A 129 -10.51 17.43 -24.52
CA ALA A 129 -9.49 17.42 -23.49
C ALA A 129 -8.19 16.98 -24.11
N ILE A 130 -7.10 17.68 -23.78
CA ILE A 130 -5.77 17.25 -24.17
C ILE A 130 -5.11 16.54 -23.01
N ILE A 131 -4.73 15.28 -23.22
CA ILE A 131 -4.11 14.49 -22.18
C ILE A 131 -2.67 14.11 -22.49
N VAL A 132 -1.77 14.47 -21.59
CA VAL A 132 -0.42 13.92 -21.57
C VAL A 132 -0.33 12.76 -20.54
N PRO A 133 -0.22 11.54 -21.04
CA PRO A 133 -0.14 10.36 -20.18
C PRO A 133 0.93 10.52 -19.10
N ALA A 134 0.72 9.87 -17.96
CA ALA A 134 1.66 9.95 -16.85
C ALA A 134 1.54 8.73 -15.94
N GLU A 135 2.20 8.79 -14.79
CA GLU A 135 2.16 7.69 -13.83
C GLU A 135 0.77 7.50 -13.26
N GLY B 1 2.78 28.46 -7.19
CA GLY B 1 3.75 28.44 -8.28
C GLY B 1 5.12 27.87 -7.94
N LEU B 2 5.28 26.56 -8.09
CA LEU B 2 6.55 25.89 -7.85
C LEU B 2 7.47 25.99 -9.06
N SER B 3 8.72 26.39 -8.84
CA SER B 3 9.65 26.52 -9.96
C SER B 3 10.11 25.14 -10.42
N ALA B 4 10.68 25.07 -11.62
CA ALA B 4 11.18 23.82 -12.13
C ALA B 4 12.36 23.32 -11.27
N GLU B 5 13.11 24.26 -10.71
CA GLU B 5 14.22 23.91 -9.82
C GLU B 5 13.72 23.30 -8.51
N GLN B 6 12.61 23.81 -8.02
CA GLN B 6 11.97 23.26 -6.83
C GLN B 6 11.37 21.88 -7.12
N ILE B 7 10.75 21.75 -8.27
CA ILE B 7 10.17 20.48 -8.68
C ILE B 7 11.26 19.43 -8.81
N ALA B 8 12.40 19.82 -9.39
CA ALA B 8 13.55 18.92 -9.49
C ALA B 8 13.99 18.37 -8.14
N VAL B 9 14.05 19.25 -7.13
CA VAL B 9 14.46 18.84 -5.80
C VAL B 9 13.42 17.91 -5.19
N LEU B 10 12.13 18.21 -5.38
CA LEU B 10 11.09 17.33 -4.82
C LEU B 10 11.17 15.94 -5.44
N GLN B 11 11.38 15.90 -6.75
CA GLN B 11 11.54 14.64 -7.45
C GLN B 11 12.78 13.88 -6.97
N GLU B 12 13.88 14.60 -6.82
N GLU B 12 13.90 14.57 -6.81
CA GLU B 12 15.14 14.04 -6.34
CA GLU B 12 15.12 13.90 -6.36
C GLU B 12 14.96 13.39 -4.97
C GLU B 12 14.96 13.36 -4.94
N GLN B 13 14.19 14.07 -4.13
CA GLN B 13 13.92 13.64 -2.75
C GLN B 13 12.85 12.57 -2.66
N GLY B 14 12.20 12.27 -3.78
CA GLY B 14 11.31 11.12 -3.82
C GLY B 14 9.84 11.44 -3.76
N PHE B 15 9.49 12.72 -3.85
CA PHE B 15 8.09 13.12 -3.89
C PHE B 15 7.45 12.77 -5.24
N GLU B 16 6.16 12.44 -5.20
CA GLU B 16 5.35 12.27 -6.41
C GLU B 16 4.14 13.20 -6.32
N LEU B 17 3.63 13.64 -7.47
CA LEU B 17 2.54 14.60 -7.50
C LEU B 17 1.20 13.91 -7.30
N ARG B 18 0.35 14.50 -6.47
CA ARG B 18 -1.01 13.97 -6.23
C ARG B 18 -1.98 15.14 -6.28
N ASP B 19 -3.26 14.85 -6.02
CA ASP B 19 -4.30 15.88 -6.06
C ASP B 19 -4.01 17.07 -5.16
N GLU B 20 -3.44 16.81 -3.99
CA GLU B 20 -3.25 17.87 -3.00
C GLU B 20 -1.88 18.51 -3.08
N GLY B 21 -1.01 17.99 -3.93
CA GLY B 21 0.35 18.48 -4.00
C GLY B 21 1.39 17.37 -4.08
N TRP B 22 2.63 17.72 -3.76
CA TRP B 22 3.75 16.77 -3.81
C TRP B 22 3.83 15.96 -2.55
N GLU B 23 3.78 14.64 -2.70
CA GLU B 23 3.69 13.76 -1.53
C GLU B 23 4.79 12.69 -1.50
N PHE B 24 5.35 12.51 -0.30
CA PHE B 24 6.33 11.48 0.04
C PHE B 24 5.78 10.64 1.20
N GLY B 25 5.23 9.47 0.89
CA GLY B 25 4.71 8.61 1.93
C GLY B 25 5.74 7.61 2.43
N MET B 26 5.83 7.46 3.75
CA MET B 26 6.67 6.44 4.36
C MET B 26 5.86 5.57 5.32
N SER B 27 6.06 4.27 5.22
CA SER B 27 5.32 3.36 6.06
C SER B 27 5.81 3.50 7.51
N SER B 28 4.97 3.09 8.44
CA SER B 28 5.29 3.19 9.86
C SER B 28 6.39 2.21 10.23
N LYS B 29 6.51 1.16 9.44
CA LYS B 29 7.50 0.14 9.71
C LYS B 29 8.91 0.64 9.41
N VAL B 30 9.03 1.41 8.33
CA VAL B 30 10.26 2.10 8.01
C VAL B 30 10.56 3.24 8.99
N LEU B 31 9.53 4.03 9.27
CA LEU B 31 9.67 5.21 10.14
C LEU B 31 9.93 4.86 11.62
N PHE B 32 9.16 3.93 12.18
CA PHE B 32 9.16 3.70 13.64
C PHE B 32 9.60 2.31 14.07
N GLY B 33 9.71 1.37 13.14
CA GLY B 33 10.04 0.00 13.51
C GLY B 33 9.00 -0.56 14.46
N ASN B 34 9.45 -1.09 15.59
CA ASN B 34 8.48 -1.52 16.60
C ASN B 34 8.26 -0.46 17.69
N ASN B 35 8.74 0.76 17.45
CA ASN B 35 8.48 1.89 18.37
C ASN B 35 7.05 2.38 18.27
N LEU B 36 6.68 3.23 19.22
CA LEU B 36 5.39 3.91 19.17
C LEU B 36 5.46 5.19 18.34
N ASP B 37 5.99 6.28 18.88
CA ASP B 37 6.11 7.49 18.08
C ASP B 37 7.56 7.98 18.03
N ARG B 38 8.46 7.25 18.68
CA ARG B 38 9.88 7.53 18.53
C ARG B 38 10.34 6.99 17.19
N LEU B 39 10.90 7.86 16.37
CA LEU B 39 11.41 7.47 15.06
C LEU B 39 12.67 6.63 15.21
N ASN B 40 12.89 5.68 14.29
CA ASN B 40 14.20 5.08 14.16
C ASN B 40 15.20 6.20 13.95
N PRO B 41 16.35 6.11 14.63
CA PRO B 41 17.40 7.12 14.48
C PRO B 41 17.76 7.33 13.00
N ASP B 42 17.90 6.25 12.24
CA ASP B 42 18.18 6.38 10.81
C ASP B 42 17.08 7.12 10.03
N SER B 43 15.83 6.78 10.30
CA SER B 43 14.73 7.46 9.65
C SER B 43 14.70 8.94 9.99
N ARG B 44 15.01 9.28 11.24
CA ARG B 44 15.05 10.66 11.66
C ARG B 44 16.11 11.47 10.89
N ASN B 45 17.31 10.91 10.74
CA ASN B 45 18.39 11.57 9.97
C ASN B 45 17.99 11.74 8.53
N THR B 46 17.32 10.73 8.02
CA THR B 46 16.82 10.75 6.65
C THR B 46 15.82 11.89 6.50
N LEU B 47 14.98 12.06 7.51
CA LEU B 47 13.94 13.08 7.45
C LEU B 47 14.53 14.48 7.59
N THR B 48 15.55 14.62 8.43
CA THR B 48 16.24 15.89 8.60
C THR B 48 16.84 16.29 7.25
N LYS B 49 17.37 15.30 6.54
CA LYS B 49 17.96 15.51 5.22
C LYS B 49 16.96 15.98 4.17
N ILE B 50 15.78 15.39 4.17
CA ILE B 50 14.73 15.82 3.27
C ILE B 50 14.33 17.27 3.56
N ALA B 51 14.18 17.55 4.85
CA ALA B 51 13.76 18.86 5.33
C ALA B 51 14.72 19.96 4.90
N ARG B 52 16.02 19.71 5.04
CA ARG B 52 17.01 20.70 4.67
C ARG B 52 17.06 20.88 3.17
N ALA B 53 16.83 19.78 2.44
CA ALA B 53 16.81 19.85 0.98
C ALA B 53 15.67 20.73 0.47
N LEU B 54 14.48 20.59 1.07
CA LEU B 54 13.34 21.41 0.66
C LEU B 54 13.60 22.87 1.00
N LEU B 55 14.00 23.12 2.25
CA LEU B 55 14.29 24.49 2.69
C LEU B 55 15.36 25.16 1.85
N ALA B 56 16.36 24.41 1.40
CA ALA B 56 17.41 25.00 0.57
C ALA B 56 16.85 25.72 -0.66
N VAL B 57 15.79 25.18 -1.25
CA VAL B 57 15.13 25.83 -2.38
C VAL B 57 13.81 26.48 -1.97
N ASP B 58 13.79 27.05 -0.78
CA ASP B 58 12.63 27.77 -0.21
C ASP B 58 11.31 26.99 -0.23
N ILE B 59 11.36 25.66 -0.26
CA ILE B 59 10.15 24.91 0.05
C ILE B 59 10.06 24.83 1.57
N ASP B 60 9.12 25.58 2.16
CA ASP B 60 9.11 25.68 3.63
C ASP B 60 7.71 25.54 4.24
N LYS B 61 6.82 24.86 3.54
CA LYS B 61 5.52 24.51 4.09
C LYS B 61 5.31 23.02 3.90
N VAL B 62 4.94 22.32 4.96
CA VAL B 62 4.58 20.91 4.83
C VAL B 62 3.32 20.59 5.62
N ARG B 63 2.60 19.59 5.13
CA ARG B 63 1.47 19.03 5.82
C ARG B 63 1.83 17.58 6.13
N LEU B 64 1.67 17.18 7.39
CA LEU B 64 2.03 15.84 7.80
C LEU B 64 0.79 15.10 8.23
N GLU B 65 0.52 13.97 7.57
CA GLU B 65 -0.70 13.20 7.77
C GLU B 65 -0.44 11.76 8.20
N GLY B 66 -1.06 11.34 9.29
CA GLY B 66 -0.83 10.00 9.83
C GLY B 66 -2.00 9.06 9.59
N HIS B 67 -1.67 7.79 9.32
CA HIS B 67 -2.68 6.80 9.01
C HIS B 67 -2.39 5.52 9.75
N THR B 68 -3.47 4.82 10.11
CA THR B 68 -3.40 3.47 10.63
C THR B 68 -4.24 2.59 9.74
N ASP B 69 -4.16 1.29 9.97
CA ASP B 69 -5.11 0.36 9.40
C ASP B 69 -6.41 0.44 10.20
N ASN B 70 -7.33 -0.49 9.96
CA ASN B 70 -8.63 -0.47 10.64
C ASN B 70 -8.65 -1.32 11.90
N TYR B 71 -7.70 -2.25 11.98
CA TYR B 71 -7.60 -3.17 13.11
C TYR B 71 -7.37 -2.43 14.42
N GLY B 72 -8.27 -2.62 15.39
CA GLY B 72 -8.12 -2.04 16.71
C GLY B 72 -9.07 -0.91 17.04
N ASP B 73 -8.83 -0.26 18.17
CA ASP B 73 -9.66 0.86 18.61
C ASP B 73 -9.50 2.05 17.69
N GLU B 74 -10.62 2.54 17.16
CA GLU B 74 -10.61 3.73 16.31
C GLU B 74 -9.95 4.90 17.04
N GLY B 75 -10.39 5.16 18.27
CA GLY B 75 -9.87 6.26 19.06
C GLY B 75 -8.38 6.18 19.35
N TYR B 76 -7.89 4.98 19.63
CA TYR B 76 -6.46 4.80 19.88
C TYR B 76 -5.64 5.00 18.62
N ASN B 77 -6.12 4.44 17.52
CA ASN B 77 -5.44 4.51 16.24
C ASN B 77 -5.38 5.94 15.84
N GLN B 78 -6.43 6.67 16.18
CA GLN B 78 -6.51 8.07 15.81
C GLN B 78 -5.40 8.87 16.50
N LYS B 79 -5.34 8.79 17.83
CA LYS B 79 -4.26 9.45 18.57
C LYS B 79 -2.85 9.01 18.14
N LEU B 80 -2.65 7.72 17.93
CA LEU B 80 -1.35 7.18 17.52
C LEU B 80 -0.91 7.77 16.19
N SER B 81 -1.84 7.82 15.24
CA SER B 81 -1.57 8.40 13.93
C SER B 81 -1.14 9.86 14.07
N GLU B 82 -1.76 10.56 15.01
CA GLU B 82 -1.48 11.97 15.19
C GLU B 82 -0.13 12.20 15.85
N ARG B 83 0.18 11.38 16.86
CA ARG B 83 1.48 11.45 17.51
C ARG B 83 2.59 11.08 16.53
N ARG B 84 2.31 10.10 15.66
CA ARG B 84 3.30 9.68 14.66
C ARG B 84 3.57 10.81 13.66
N ALA B 85 2.51 11.51 13.26
CA ALA B 85 2.66 12.68 12.39
C ALA B 85 3.44 13.79 13.10
N GLU B 86 3.14 13.98 14.38
CA GLU B 86 3.83 15.01 15.17
C GLU B 86 5.33 14.71 15.32
N SER B 87 5.68 13.42 15.43
CA SER B 87 7.12 13.06 15.47
C SER B 87 7.87 13.53 14.22
N VAL B 88 7.25 13.33 13.05
CA VAL B 88 7.85 13.82 11.81
C VAL B 88 7.85 15.33 11.78
N ALA B 89 6.77 15.94 12.26
CA ALA B 89 6.72 17.42 12.32
C ALA B 89 7.88 17.99 13.09
N ALA B 90 8.20 17.38 14.23
CA ALA B 90 9.27 17.88 15.09
C ALA B 90 10.62 17.82 14.38
N VAL B 91 10.82 16.83 13.53
CA VAL B 91 12.04 16.79 12.75
C VAL B 91 12.10 17.99 11.79
N PHE B 92 10.97 18.31 11.17
CA PHE B 92 10.95 19.45 10.28
C PHE B 92 11.14 20.78 11.04
N ARG B 93 10.60 20.89 12.24
N ARG B 93 10.59 20.90 12.24
CA ARG B 93 10.81 22.11 13.05
CA ARG B 93 10.82 22.10 13.05
C ARG B 93 12.30 22.31 13.36
C ARG B 93 12.31 22.30 13.33
N GLU B 94 12.93 21.30 13.94
CA GLU B 94 14.35 21.37 14.28
C GLU B 94 15.26 21.56 13.06
N ALA B 95 14.75 21.21 11.88
CA ALA B 95 15.55 21.33 10.68
C ALA B 95 15.49 22.76 10.19
N GLY B 96 14.55 23.53 10.73
CA GLY B 96 14.47 24.95 10.44
C GLY B 96 13.21 25.40 9.73
N MET B 97 12.16 24.62 9.83
CA MET B 97 10.89 24.96 9.19
C MET B 97 9.98 25.62 10.21
N PRO B 98 9.39 26.78 9.86
CA PRO B 98 8.52 27.56 10.74
C PRO B 98 7.35 26.75 11.27
N ALA B 99 7.08 26.87 12.55
CA ALA B 99 6.00 26.10 13.18
C ALA B 99 4.65 26.41 12.54
N ALA B 100 4.51 27.63 12.03
CA ALA B 100 3.24 28.08 11.45
C ALA B 100 3.01 27.46 10.06
N ASN B 101 4.10 27.11 9.40
CA ASN B 101 4.04 26.51 8.07
C ASN B 101 3.83 25.00 8.08
N ILE B 102 3.84 24.42 9.28
CA ILE B 102 3.70 22.97 9.42
C ILE B 102 2.34 22.60 9.95
N GLU B 103 1.66 21.73 9.23
CA GLU B 103 0.32 21.32 9.60
C GLU B 103 0.34 19.81 9.91
N VAL B 104 -0.29 19.40 10.99
CA VAL B 104 -0.24 17.99 11.42
C VAL B 104 -1.62 17.39 11.59
N ARG B 105 -1.96 16.36 10.81
CA ARG B 105 -3.27 15.71 10.99
C ARG B 105 -3.14 14.21 11.30
N GLY B 106 -4.02 13.73 12.17
CA GLY B 106 -4.16 12.31 12.41
C GLY B 106 -5.43 11.79 11.77
N LEU B 107 -5.30 10.99 10.72
CA LEU B 107 -6.49 10.55 9.98
C LEU B 107 -6.94 9.15 10.34
N GLY B 108 -6.27 8.51 11.30
CA GLY B 108 -6.62 7.17 11.74
C GLY B 108 -6.78 6.20 10.59
N MET B 109 -7.81 5.35 10.67
CA MET B 109 -8.13 4.40 9.60
C MET B 109 -9.00 4.99 8.49
N SER B 110 -9.18 6.30 8.47
CA SER B 110 -10.18 6.89 7.57
C SER B 110 -9.78 6.89 6.10
N LYS B 111 -8.47 6.93 5.82
CA LYS B 111 -8.03 7.08 4.44
C LYS B 111 -7.09 5.98 3.95
N PRO B 112 -7.60 4.73 3.84
CA PRO B 112 -6.78 3.59 3.42
C PRO B 112 -6.06 3.80 2.10
N VAL B 113 -5.09 2.95 1.84
CA VAL B 113 -4.35 3.00 0.60
C VAL B 113 -4.26 1.59 0.07
N ALA B 114 -4.70 0.65 0.92
CA ALA B 114 -4.64 -0.76 0.61
C ALA B 114 -5.69 -1.47 1.43
N ASP B 115 -5.86 -2.75 1.17
CA ASP B 115 -7.05 -3.43 1.67
C ASP B 115 -6.83 -4.03 3.05
N ASN B 116 -7.61 -3.52 4.00
CA ASN B 116 -7.61 -3.99 5.37
C ASN B 116 -7.93 -5.48 5.54
N LYS B 117 -8.38 -6.13 4.47
CA LYS B 117 -8.74 -7.53 4.57
C LYS B 117 -7.49 -8.41 4.66
N THR B 118 -6.35 -7.90 4.20
CA THR B 118 -5.11 -8.65 4.33
C THR B 118 -4.08 -7.97 5.23
N ARG B 119 -3.38 -8.79 5.99
CA ARG B 119 -2.29 -8.37 6.86
C ARG B 119 -1.25 -7.49 6.16
N ALA B 120 -0.97 -7.77 4.88
CA ALA B 120 -0.07 -6.95 4.08
C ALA B 120 -0.68 -5.60 3.73
N GLY B 121 -2.00 -5.57 3.57
CA GLY B 121 -2.68 -4.33 3.24
C GLY B 121 -2.63 -3.36 4.40
N ARG B 122 -3.01 -3.88 5.54
CA ARG B 122 -3.05 -3.15 6.77
C ARG B 122 -1.72 -2.53 7.07
N SER B 123 -0.66 -3.27 6.86
CA SER B 123 0.67 -2.77 7.06
C SER B 123 0.97 -1.52 6.22
N GLU B 124 0.59 -1.55 4.98
CA GLU B 124 0.69 -0.40 4.09
C GLU B 124 -0.18 0.82 4.50
N ASN B 125 -1.26 0.58 5.17
CA ASN B 125 -2.14 1.64 5.66
C ASN B 125 -1.52 2.39 6.85
N ARG B 126 -0.69 1.70 7.65
CA ARG B 126 0.06 2.35 8.74
C ARG B 126 1.22 3.12 8.12
N ARG B 127 1.10 4.45 8.10
N ARG B 127 1.10 4.45 8.11
CA ARG B 127 2.01 5.28 7.32
CA ARG B 127 2.02 5.28 7.32
C ARG B 127 1.89 6.75 7.70
C ARG B 127 1.89 6.75 7.70
N VAL B 128 2.89 7.54 7.31
CA VAL B 128 2.81 8.99 7.46
C VAL B 128 3.14 9.64 6.10
N ALA B 129 2.20 10.43 5.59
CA ALA B 129 2.39 11.19 4.35
C ALA B 129 3.01 12.56 4.62
N ILE B 130 4.12 12.83 3.96
CA ILE B 130 4.70 14.16 3.92
C ILE B 130 4.20 14.84 2.64
N ILE B 131 3.43 15.92 2.78
CA ILE B 131 2.85 16.58 1.62
C ILE B 131 3.34 18.02 1.50
N VAL B 132 3.78 18.43 0.32
CA VAL B 132 4.04 19.84 0.08
C VAL B 132 2.88 20.38 -0.76
N PRO B 133 1.94 21.08 -0.09
CA PRO B 133 0.67 21.46 -0.71
C PRO B 133 0.87 22.43 -1.85
N ALA B 134 0.31 22.09 -3.00
CA ALA B 134 0.47 22.89 -4.21
C ALA B 134 -0.73 22.62 -5.12
N GLU B 135 -1.19 23.64 -5.83
CA GLU B 135 -2.35 23.46 -6.72
C GLU B 135 -2.00 23.68 -8.19
N GLY C 1 13.44 -23.07 13.31
CA GLY C 1 12.77 -22.02 14.06
C GLY C 1 13.69 -20.86 14.40
N LEU C 2 13.10 -19.70 14.72
CA LEU C 2 13.88 -18.52 15.09
C LEU C 2 13.80 -18.29 16.59
N SER C 3 14.92 -17.87 17.19
CA SER C 3 14.95 -17.64 18.64
C SER C 3 14.19 -16.39 19.03
N ALA C 4 13.97 -16.24 20.33
CA ALA C 4 13.29 -15.05 20.82
C ALA C 4 14.19 -13.86 20.55
N GLU C 5 15.50 -14.06 20.72
CA GLU C 5 16.47 -13.00 20.46
C GLU C 5 16.48 -12.59 19.00
N GLN C 6 16.23 -13.53 18.10
CA GLN C 6 16.24 -13.26 16.67
C GLN C 6 14.97 -12.54 16.24
N ILE C 7 13.85 -12.95 16.81
CA ILE C 7 12.59 -12.29 16.52
C ILE C 7 12.68 -10.83 16.97
N ALA C 8 13.32 -10.62 18.11
CA ALA C 8 13.40 -9.29 18.70
C ALA C 8 14.18 -8.33 17.78
N VAL C 9 15.27 -8.81 17.18
CA VAL C 9 16.02 -8.01 16.23
C VAL C 9 15.19 -7.76 14.97
N LEU C 10 14.53 -8.79 14.46
CA LEU C 10 13.68 -8.63 13.27
C LEU C 10 12.60 -7.56 13.52
N GLN C 11 11.91 -7.67 14.64
CA GLN C 11 10.94 -6.66 15.05
C GLN C 11 11.56 -5.25 15.15
N GLU C 12 12.70 -5.16 15.86
N GLU C 12 12.69 -5.11 15.85
CA GLU C 12 13.45 -3.91 16.04
CA GLU C 12 13.31 -3.79 15.99
C GLU C 12 13.71 -3.25 14.69
C GLU C 12 13.64 -3.21 14.62
N GLN C 13 14.06 -4.07 13.71
CA GLN C 13 14.47 -3.61 12.39
C GLN C 13 13.30 -3.28 11.46
N GLY C 14 12.07 -3.58 11.89
CA GLY C 14 10.90 -3.26 11.06
C GLY C 14 10.20 -4.43 10.37
N PHE C 15 10.75 -5.63 10.51
CA PHE C 15 10.17 -6.82 9.87
C PHE C 15 8.84 -7.19 10.51
N GLU C 16 7.91 -7.71 9.71
CA GLU C 16 6.65 -8.24 10.20
C GLU C 16 6.44 -9.65 9.68
N LEU C 17 5.78 -10.50 10.45
CA LEU C 17 5.60 -11.89 10.06
C LEU C 17 4.50 -12.10 9.00
N ARG C 18 4.84 -12.90 7.99
CA ARG C 18 3.90 -13.30 6.95
C ARG C 18 4.03 -14.80 6.70
N ASP C 19 3.23 -15.33 5.77
CA ASP C 19 3.24 -16.76 5.47
C ASP C 19 4.61 -17.24 5.03
N GLU C 20 5.32 -16.41 4.27
CA GLU C 20 6.61 -16.80 3.75
C GLU C 20 7.76 -16.55 4.73
N GLY C 21 7.44 -15.92 5.85
CA GLY C 21 8.45 -15.59 6.84
C GLY C 21 8.41 -14.11 7.22
N TRP C 22 9.50 -13.63 7.79
CA TRP C 22 9.53 -12.24 8.21
C TRP C 22 9.84 -11.33 7.06
N GLU C 23 9.00 -10.33 6.88
CA GLU C 23 9.12 -9.42 5.75
C GLU C 23 9.29 -7.95 6.16
N PHE C 24 10.21 -7.27 5.48
CA PHE C 24 10.37 -5.82 5.59
C PHE C 24 10.38 -5.22 4.20
N GLY C 25 9.27 -4.63 3.82
CA GLY C 25 9.16 -4.03 2.50
C GLY C 25 9.36 -2.53 2.51
N MET C 26 10.09 -2.05 1.52
CA MET C 26 10.39 -0.63 1.41
C MET C 26 10.02 -0.19 0.02
N SER C 27 9.39 0.97 -0.07
CA SER C 27 8.91 1.46 -1.35
C SER C 27 10.07 2.00 -2.18
N SER C 28 9.93 2.00 -3.50
CA SER C 28 11.01 2.42 -4.37
C SER C 28 11.34 3.90 -4.20
N LYS C 29 10.32 4.68 -3.84
CA LYS C 29 10.53 6.11 -3.64
C LYS C 29 11.49 6.37 -2.48
N VAL C 30 11.37 5.57 -1.43
CA VAL C 30 12.30 5.58 -0.32
C VAL C 30 13.66 4.97 -0.69
N LEU C 31 13.64 3.87 -1.43
CA LEU C 31 14.89 3.18 -1.72
C LEU C 31 15.72 3.90 -2.78
N PHE C 32 15.07 4.34 -3.86
CA PHE C 32 15.78 4.81 -5.05
C PHE C 32 15.54 6.28 -5.39
N GLY C 33 14.57 6.94 -4.74
CA GLY C 33 14.21 8.30 -5.10
C GLY C 33 13.71 8.42 -6.53
N ASN C 34 14.38 9.21 -7.36
CA ASN C 34 14.04 9.21 -8.79
C ASN C 34 15.11 8.49 -9.63
N ASN C 35 15.95 7.71 -8.97
CA ASN C 35 16.99 6.95 -9.67
C ASN C 35 16.38 5.72 -10.29
N LEU C 36 17.18 4.99 -11.05
CA LEU C 36 16.69 3.75 -11.66
C LEU C 36 16.96 2.57 -10.75
N ASP C 37 18.20 2.05 -10.70
CA ASP C 37 18.50 1.00 -9.72
C ASP C 37 19.57 1.42 -8.72
N ARG C 38 20.03 2.66 -8.82
CA ARG C 38 20.99 3.18 -7.88
C ARG C 38 20.30 3.58 -6.56
N LEU C 39 20.70 2.96 -5.46
CA LEU C 39 20.11 3.29 -4.18
C LEU C 39 20.46 4.72 -3.76
N ASN C 40 19.52 5.42 -3.14
N ASN C 40 19.52 5.40 -3.13
CA ASN C 40 19.85 6.66 -2.44
CA ASN C 40 19.86 6.60 -2.38
C ASN C 40 20.84 6.31 -1.32
C ASN C 40 20.91 6.23 -1.35
N PRO C 41 21.90 7.11 -1.17
CA PRO C 41 22.96 6.91 -0.16
C PRO C 41 22.43 6.62 1.25
N ASP C 42 21.46 7.38 1.75
CA ASP C 42 20.88 7.05 3.05
C ASP C 42 20.22 5.68 3.10
N SER C 43 19.40 5.35 2.10
CA SER C 43 18.77 4.03 2.04
C SER C 43 19.81 2.94 1.99
N ARG C 44 20.88 3.16 1.23
CA ARG C 44 21.96 2.22 1.18
C ARG C 44 22.56 1.99 2.57
N ASN C 45 22.79 3.06 3.31
CA ASN C 45 23.37 2.92 4.64
C ASN C 45 22.38 2.22 5.54
N THR C 46 21.10 2.51 5.34
CA THR C 46 20.02 1.88 6.11
C THR C 46 20.06 0.37 5.92
N LEU C 47 20.15 -0.04 4.66
CA LEU C 47 20.15 -1.45 4.27
C LEU C 47 21.35 -2.16 4.86
N THR C 48 22.50 -1.52 4.76
CA THR C 48 23.72 -2.05 5.35
C THR C 48 23.48 -2.30 6.83
N LYS C 49 22.93 -1.31 7.54
CA LYS C 49 22.71 -1.49 8.99
C LYS C 49 21.74 -2.63 9.30
N ILE C 50 20.75 -2.85 8.43
CA ILE C 50 19.81 -3.95 8.60
C ILE C 50 20.48 -5.31 8.35
N ALA C 51 21.31 -5.39 7.31
CA ALA C 51 22.04 -6.64 7.03
C ALA C 51 22.96 -7.01 8.19
N ARG C 52 23.67 -6.03 8.74
CA ARG C 52 24.60 -6.29 9.82
C ARG C 52 23.87 -6.69 11.08
N ALA C 53 22.69 -6.12 11.29
CA ALA C 53 21.88 -6.42 12.47
C ALA C 53 21.36 -7.84 12.41
N LEU C 54 20.93 -8.28 11.23
CA LEU C 54 20.49 -9.65 11.04
C LEU C 54 21.67 -10.60 11.23
N LEU C 55 22.75 -10.32 10.52
CA LEU C 55 23.95 -11.16 10.58
C LEU C 55 24.44 -11.36 12.00
N ALA C 56 24.44 -10.28 12.77
CA ALA C 56 24.92 -10.34 14.15
C ALA C 56 24.15 -11.35 15.01
N VAL C 57 22.93 -11.70 14.63
CA VAL C 57 22.26 -12.76 15.38
C VAL C 57 22.01 -13.98 14.52
N ASP C 58 22.94 -14.22 13.61
CA ASP C 58 22.96 -15.42 12.77
C ASP C 58 21.76 -15.55 11.88
N ILE C 59 21.17 -14.42 11.51
CA ILE C 59 20.21 -14.44 10.42
C ILE C 59 20.97 -14.14 9.13
N ASP C 60 21.28 -15.19 8.38
CA ASP C 60 22.19 -15.01 7.24
C ASP C 60 21.64 -15.52 5.90
N LYS C 61 20.33 -15.68 5.78
CA LYS C 61 19.71 -15.97 4.50
C LYS C 61 18.54 -15.05 4.25
N VAL C 62 18.45 -14.48 3.05
CA VAL C 62 17.31 -13.63 2.73
C VAL C 62 16.84 -13.86 1.32
N ARG C 63 15.57 -13.54 1.09
CA ARG C 63 15.02 -13.45 -0.25
C ARG C 63 14.70 -11.98 -0.52
N LEU C 64 15.17 -11.47 -1.66
CA LEU C 64 14.91 -10.09 -2.05
C LEU C 64 14.02 -10.05 -3.26
N GLU C 65 12.85 -9.46 -3.10
CA GLU C 65 11.86 -9.44 -4.18
C GLU C 65 11.57 -8.05 -4.65
N GLY C 66 11.72 -7.84 -5.96
CA GLY C 66 11.35 -6.59 -6.60
C GLY C 66 9.94 -6.67 -7.12
N HIS C 67 9.21 -5.56 -7.00
CA HIS C 67 7.82 -5.48 -7.43
C HIS C 67 7.59 -4.17 -8.16
N THR C 68 6.69 -4.16 -9.14
CA THR C 68 6.22 -2.90 -9.71
C THR C 68 4.71 -2.77 -9.58
N ASP C 69 4.17 -1.73 -10.20
CA ASP C 69 2.75 -1.59 -10.46
C ASP C 69 2.46 -2.09 -11.88
N ASN C 70 1.23 -1.89 -12.34
CA ASN C 70 0.82 -2.39 -13.66
C ASN C 70 1.17 -1.45 -14.81
N TYR C 71 1.41 -0.18 -14.52
CA TYR C 71 1.67 0.79 -15.58
C TYR C 71 2.99 0.55 -16.31
N GLY C 72 2.94 0.70 -17.63
CA GLY C 72 4.13 0.54 -18.45
C GLY C 72 4.28 -0.85 -19.02
N ASP C 73 5.40 -1.10 -19.66
CA ASP C 73 5.68 -2.38 -20.29
C ASP C 73 5.93 -3.49 -19.27
N GLU C 74 5.27 -4.62 -19.45
CA GLU C 74 5.38 -5.73 -18.50
C GLU C 74 6.79 -6.31 -18.51
N GLY C 75 7.45 -6.23 -19.65
CA GLY C 75 8.81 -6.74 -19.78
C GLY C 75 9.81 -5.85 -19.08
N TYR C 76 9.71 -4.54 -19.32
CA TYR C 76 10.60 -3.58 -18.67
C TYR C 76 10.39 -3.52 -17.16
N ASN C 77 9.12 -3.60 -16.74
CA ASN C 77 8.80 -3.53 -15.33
C ASN C 77 9.39 -4.70 -14.60
N GLN C 78 9.42 -5.82 -15.31
CA GLN C 78 9.99 -7.05 -14.82
C GLN C 78 11.50 -6.91 -14.58
N LYS C 79 12.20 -6.27 -15.52
CA LYS C 79 13.65 -6.22 -15.40
C LYS C 79 14.08 -5.06 -14.48
N LEU C 80 13.31 -3.98 -14.45
CA LEU C 80 13.55 -2.90 -13.48
C LEU C 80 13.42 -3.41 -12.03
N SER C 81 12.42 -4.25 -11.78
CA SER C 81 12.19 -4.78 -10.45
C SER C 81 13.28 -5.77 -10.07
N GLU C 82 13.78 -6.51 -11.06
CA GLU C 82 14.90 -7.41 -10.83
C GLU C 82 16.18 -6.63 -10.55
N ARG C 83 16.44 -5.60 -11.36
CA ARG C 83 17.58 -4.71 -11.11
C ARG C 83 17.53 -4.07 -9.72
N ARG C 84 16.35 -3.65 -9.26
CA ARG C 84 16.22 -2.98 -7.97
C ARG C 84 16.47 -3.93 -6.81
N ALA C 85 16.04 -5.17 -6.97
CA ALA C 85 16.30 -6.21 -5.97
C ALA C 85 17.77 -6.59 -5.96
N GLU C 86 18.39 -6.58 -7.13
CA GLU C 86 19.81 -6.90 -7.21
C GLU C 86 20.65 -5.82 -6.51
N SER C 87 20.23 -4.57 -6.63
CA SER C 87 20.90 -3.46 -5.92
C SER C 87 20.89 -3.68 -4.40
N VAL C 88 19.76 -4.16 -3.87
CA VAL C 88 19.70 -4.46 -2.43
C VAL C 88 20.57 -5.69 -2.06
N ALA C 89 20.63 -6.69 -2.94
CA ALA C 89 21.53 -7.84 -2.69
C ALA C 89 23.02 -7.44 -2.57
N ALA C 90 23.44 -6.51 -3.44
CA ALA C 90 24.84 -6.06 -3.44
C ALA C 90 25.19 -5.53 -2.07
N VAL C 91 24.29 -4.74 -1.51
CA VAL C 91 24.42 -4.22 -0.16
C VAL C 91 24.53 -5.35 0.88
N PHE C 92 23.62 -6.31 0.79
CA PHE C 92 23.61 -7.41 1.73
C PHE C 92 24.92 -8.21 1.61
N ARG C 93 25.33 -8.55 0.39
CA ARG C 93 26.65 -9.20 0.20
C ARG C 93 27.81 -8.39 0.80
N GLU C 94 27.83 -7.10 0.50
CA GLU C 94 28.92 -6.25 0.97
C GLU C 94 29.00 -6.23 2.48
N ALA C 95 27.84 -6.39 3.14
CA ALA C 95 27.80 -6.34 4.59
C ALA C 95 28.22 -7.68 5.21
N GLY C 96 28.39 -8.69 4.38
CA GLY C 96 28.89 -9.96 4.86
C GLY C 96 28.01 -11.16 4.60
N MET C 97 26.92 -10.98 3.87
CA MET C 97 26.00 -12.11 3.67
C MET C 97 26.39 -12.91 2.44
N PRO C 98 26.64 -14.22 2.60
CA PRO C 98 27.01 -15.10 1.49
C PRO C 98 26.12 -14.95 0.25
N ALA C 99 26.73 -14.69 -0.91
CA ALA C 99 25.99 -14.57 -2.18
C ALA C 99 25.03 -15.73 -2.41
N ALA C 100 25.42 -16.90 -1.90
CA ALA C 100 24.67 -18.13 -2.07
C ALA C 100 23.47 -18.19 -1.12
N ASN C 101 23.54 -17.38 -0.06
CA ASN C 101 22.49 -17.30 0.93
C ASN C 101 21.46 -16.22 0.61
N ILE C 102 21.60 -15.64 -0.58
CA ILE C 102 20.75 -14.55 -1.03
C ILE C 102 20.02 -14.92 -2.29
N GLU C 103 18.70 -14.87 -2.24
CA GLU C 103 17.91 -15.17 -3.42
C GLU C 103 17.26 -13.91 -3.95
N VAL C 104 17.46 -13.63 -5.23
CA VAL C 104 16.93 -12.43 -5.85
C VAL C 104 15.88 -12.77 -6.88
N ARG C 105 14.77 -12.02 -6.85
CA ARG C 105 13.63 -12.26 -7.69
C ARG C 105 13.00 -10.95 -8.16
N GLY C 106 12.65 -10.87 -9.43
CA GLY C 106 11.93 -9.72 -9.93
C GLY C 106 10.54 -10.15 -10.33
N LEU C 107 9.52 -9.69 -9.61
CA LEU C 107 8.17 -10.18 -9.84
C LEU C 107 7.32 -9.22 -10.63
N GLY C 108 7.92 -8.14 -11.13
CA GLY C 108 7.20 -7.17 -11.94
C GLY C 108 5.88 -6.74 -11.29
N MET C 109 4.83 -6.63 -12.10
CA MET C 109 3.52 -6.28 -11.56
C MET C 109 2.73 -7.47 -11.01
N SER C 110 3.38 -8.59 -10.76
CA SER C 110 2.62 -9.81 -10.50
C SER C 110 2.06 -10.01 -9.08
N LYS C 111 2.62 -9.34 -8.06
CA LYS C 111 2.14 -9.56 -6.68
C LYS C 111 1.91 -8.27 -5.86
N PRO C 112 0.86 -7.51 -6.17
CA PRO C 112 0.57 -6.24 -5.46
C PRO C 112 0.21 -6.38 -3.98
N VAL C 113 0.73 -5.47 -3.15
CA VAL C 113 0.29 -5.35 -1.76
C VAL C 113 -0.80 -4.29 -1.63
N ALA C 114 -0.94 -3.46 -2.66
CA ALA C 114 -1.83 -2.31 -2.57
C ALA C 114 -2.59 -2.12 -3.85
N ASP C 115 -3.56 -1.21 -3.81
CA ASP C 115 -4.52 -1.07 -4.91
C ASP C 115 -3.95 -0.38 -6.14
N ASN C 116 -3.87 -1.11 -7.25
CA ASN C 116 -3.30 -0.61 -8.48
C ASN C 116 -4.15 0.43 -9.23
N LYS C 117 -5.30 0.76 -8.69
CA LYS C 117 -6.21 1.65 -9.39
C LYS C 117 -5.98 3.10 -8.96
N THR C 118 -5.33 3.28 -7.82
CA THR C 118 -4.96 4.61 -7.37
C THR C 118 -3.45 4.85 -7.52
N ARG C 119 -3.09 6.10 -7.80
CA ARG C 119 -1.70 6.52 -7.85
C ARG C 119 -0.99 6.23 -6.54
N ALA C 120 -1.71 6.41 -5.45
CA ALA C 120 -1.16 6.16 -4.13
C ALA C 120 -0.84 4.68 -3.93
N GLY C 121 -1.67 3.81 -4.50
CA GLY C 121 -1.49 2.38 -4.35
C GLY C 121 -0.42 1.81 -5.26
N ARG C 122 -0.38 2.32 -6.49
CA ARG C 122 0.64 1.96 -7.47
C ARG C 122 2.03 2.25 -6.95
N SER C 123 2.13 3.36 -6.22
CA SER C 123 3.39 3.80 -5.64
C SER C 123 3.92 2.82 -4.58
N GLU C 124 3.04 2.31 -3.71
CA GLU C 124 3.50 1.38 -2.69
C GLU C 124 3.72 -0.01 -3.29
N ASN C 125 3.18 -0.23 -4.48
CA ASN C 125 3.39 -1.47 -5.23
C ASN C 125 4.80 -1.55 -5.84
N ARG C 126 5.36 -0.39 -6.18
CA ARG C 126 6.77 -0.28 -6.55
C ARG C 126 7.61 -0.35 -5.29
N ARG C 127 8.26 -1.48 -5.08
N ARG C 127 8.28 -1.47 -5.08
CA ARG C 127 8.92 -1.73 -3.82
CA ARG C 127 8.90 -1.75 -3.81
C ARG C 127 9.87 -2.91 -3.92
C ARG C 127 9.84 -2.93 -3.90
N VAL C 128 10.71 -3.06 -2.91
CA VAL C 128 11.57 -4.23 -2.81
C VAL C 128 11.24 -4.83 -1.45
N ALA C 129 11.04 -6.15 -1.38
CA ALA C 129 10.75 -6.80 -0.12
C ALA C 129 11.93 -7.63 0.38
N ILE C 130 12.32 -7.37 1.62
CA ILE C 130 13.35 -8.18 2.24
C ILE C 130 12.63 -9.26 3.05
N ILE C 131 12.89 -10.51 2.71
CA ILE C 131 12.21 -11.63 3.38
C ILE C 131 13.20 -12.56 4.06
N VAL C 132 12.90 -12.91 5.31
CA VAL C 132 13.65 -13.94 6.01
C VAL C 132 12.78 -15.19 5.99
N PRO C 133 13.12 -16.15 5.12
CA PRO C 133 12.25 -17.30 4.84
C PRO C 133 11.99 -18.14 6.08
N ALA C 134 10.74 -18.56 6.23
CA ALA C 134 10.32 -19.38 7.37
C ALA C 134 10.65 -20.85 7.18
N GLU C 135 11.58 -21.13 6.27
CA GLU C 135 12.02 -22.50 5.98
C GLU C 135 10.86 -23.36 5.48
N GLY D 1 0.71 -4.92 20.05
CA GLY D 1 1.17 -6.14 19.42
C GLY D 1 2.02 -7.02 20.34
N LEU D 2 2.30 -8.24 19.89
CA LEU D 2 2.99 -9.25 20.69
C LEU D 2 4.52 -9.07 20.75
N SER D 3 5.08 -9.36 21.91
CA SER D 3 6.52 -9.34 22.09
C SER D 3 7.21 -10.54 21.42
N ALA D 4 8.52 -10.43 21.25
CA ALA D 4 9.36 -11.54 20.78
C ALA D 4 9.21 -12.77 21.68
N GLU D 5 9.23 -12.59 23.01
CA GLU D 5 9.04 -13.71 23.95
C GLU D 5 7.68 -14.38 23.74
N GLN D 6 6.66 -13.59 23.39
CA GLN D 6 5.32 -14.11 23.28
C GLN D 6 5.20 -14.92 22.00
N ILE D 7 5.72 -14.36 20.92
CA ILE D 7 5.74 -15.04 19.63
C ILE D 7 6.54 -16.35 19.67
N ALA D 8 7.72 -16.34 20.27
CA ALA D 8 8.45 -17.58 20.44
C ALA D 8 7.62 -18.65 21.18
N VAL D 9 6.88 -18.25 22.21
CA VAL D 9 6.12 -19.25 22.97
C VAL D 9 4.98 -19.82 22.11
N LEU D 10 4.24 -18.93 21.45
CA LEU D 10 3.22 -19.35 20.51
C LEU D 10 3.78 -20.33 19.49
N GLN D 11 4.94 -20.01 18.92
CA GLN D 11 5.55 -20.91 17.94
C GLN D 11 5.93 -22.26 18.58
N GLU D 12 6.55 -22.21 19.76
CA GLU D 12 6.92 -23.45 20.46
C GLU D 12 5.68 -24.31 20.71
N GLN D 13 4.58 -23.66 21.08
CA GLN D 13 3.36 -24.36 21.44
C GLN D 13 2.64 -24.86 20.20
N GLY D 14 3.18 -24.53 19.03
CA GLY D 14 2.66 -25.03 17.77
C GLY D 14 1.68 -24.12 17.03
N PHE D 15 1.50 -22.89 17.52
CA PHE D 15 0.62 -21.92 16.84
C PHE D 15 1.22 -21.43 15.55
N GLU D 16 0.36 -21.08 14.60
CA GLU D 16 0.78 -20.56 13.33
C GLU D 16 -0.01 -19.31 12.98
N LEU D 17 0.65 -18.31 12.42
CA LEU D 17 -0.02 -17.05 12.14
C LEU D 17 -0.96 -17.22 10.97
N ARG D 18 -2.25 -17.02 11.20
CA ARG D 18 -3.24 -17.03 10.12
C ARG D 18 -3.89 -15.64 10.06
N ASP D 19 -4.93 -15.51 9.24
CA ASP D 19 -5.47 -14.18 8.97
C ASP D 19 -6.03 -13.54 10.23
N GLU D 20 -6.78 -14.32 11.02
CA GLU D 20 -7.35 -13.81 12.28
C GLU D 20 -6.31 -13.69 13.40
N GLY D 21 -5.18 -14.37 13.26
CA GLY D 21 -4.18 -14.28 14.29
C GLY D 21 -3.50 -15.61 14.47
N TRP D 22 -2.84 -15.78 15.61
CA TRP D 22 -2.15 -17.04 15.86
C TRP D 22 -3.15 -18.12 16.23
N GLU D 23 -2.99 -19.30 15.65
CA GLU D 23 -3.99 -20.34 15.77
C GLU D 23 -3.34 -21.69 15.98
N PHE D 24 -3.91 -22.47 16.89
CA PHE D 24 -3.52 -23.85 17.10
C PHE D 24 -4.79 -24.63 17.17
N GLY D 25 -4.92 -25.60 16.28
CA GLY D 25 -6.11 -26.42 16.22
C GLY D 25 -5.83 -27.80 16.76
N MET D 26 -6.85 -28.41 17.37
CA MET D 26 -6.74 -29.78 17.85
C MET D 26 -7.97 -30.50 17.37
N SER D 27 -7.80 -31.74 16.91
CA SER D 27 -8.96 -32.44 16.33
C SER D 27 -9.95 -32.84 17.41
N SER D 28 -11.23 -32.77 17.07
CA SER D 28 -12.32 -33.26 17.92
C SER D 28 -12.14 -34.73 18.30
N LYS D 29 -11.56 -35.52 17.39
CA LYS D 29 -11.33 -36.94 17.63
C LYS D 29 -10.41 -37.14 18.80
N VAL D 30 -9.33 -36.38 18.83
CA VAL D 30 -8.39 -36.41 19.94
C VAL D 30 -8.96 -35.72 21.20
N LEU D 31 -9.67 -34.61 21.00
CA LEU D 31 -10.19 -33.84 22.11
C LEU D 31 -11.29 -34.62 22.83
N PHE D 32 -12.25 -35.13 22.07
CA PHE D 32 -13.47 -35.70 22.64
C PHE D 32 -13.68 -37.19 22.42
N GLY D 33 -12.99 -37.78 21.46
CA GLY D 33 -13.24 -39.18 21.10
C GLY D 33 -14.69 -39.38 20.72
N ASN D 34 -15.34 -40.35 21.35
CA ASN D 34 -16.77 -40.61 21.13
C ASN D 34 -17.70 -39.83 22.05
N ASN D 35 -17.15 -38.92 22.85
CA ASN D 35 -17.98 -38.04 23.68
C ASN D 35 -18.63 -36.92 22.86
N LEU D 36 -19.54 -36.17 23.48
CA LEU D 36 -20.17 -35.04 22.82
C LEU D 36 -19.33 -33.80 23.09
N ASP D 37 -19.43 -33.19 24.27
CA ASP D 37 -18.60 -32.09 24.68
C ASP D 37 -17.65 -32.37 25.85
N ARG D 38 -17.68 -33.58 26.34
CA ARG D 38 -16.80 -34.04 27.36
C ARG D 38 -15.41 -34.38 26.81
N LEU D 39 -14.40 -33.80 27.40
CA LEU D 39 -13.03 -34.00 27.00
C LEU D 39 -12.48 -35.28 27.56
N ASN D 40 -11.69 -35.97 26.79
CA ASN D 40 -10.79 -36.99 27.31
C ASN D 40 -9.88 -36.34 28.35
N PRO D 41 -9.65 -37.03 29.48
CA PRO D 41 -8.80 -36.48 30.55
C PRO D 41 -7.40 -36.10 30.09
N ASP D 42 -6.80 -36.90 29.21
CA ASP D 42 -5.46 -36.57 28.73
C ASP D 42 -5.47 -35.28 27.91
N SER D 43 -6.55 -35.05 27.17
CA SER D 43 -6.67 -33.83 26.40
C SER D 43 -6.90 -32.63 27.30
N ARG D 44 -7.68 -32.80 28.36
CA ARG D 44 -7.83 -31.74 29.35
C ARG D 44 -6.47 -31.29 29.88
N ASN D 45 -5.59 -32.24 30.16
CA ASN D 45 -4.29 -31.94 30.74
C ASN D 45 -3.39 -31.22 29.72
N THR D 46 -3.43 -31.71 28.49
CA THR D 46 -2.80 -31.00 27.37
C THR D 46 -3.28 -29.55 27.25
N LEU D 47 -4.58 -29.34 27.38
CA LEU D 47 -5.14 -28.01 27.21
C LEU D 47 -4.70 -27.11 28.36
N THR D 48 -4.64 -27.69 29.55
CA THR D 48 -4.22 -26.94 30.74
C THR D 48 -2.78 -26.44 30.59
N LYS D 49 -1.91 -27.28 30.04
CA LYS D 49 -0.50 -26.95 29.83
C LYS D 49 -0.35 -25.79 28.87
N ILE D 50 -1.13 -25.79 27.80
CA ILE D 50 -1.08 -24.71 26.80
C ILE D 50 -1.54 -23.40 27.43
N ALA D 51 -2.65 -23.45 28.18
CA ALA D 51 -3.17 -22.29 28.87
C ALA D 51 -2.11 -21.70 29.78
N ARG D 52 -1.49 -22.55 30.58
CA ARG D 52 -0.43 -22.12 31.48
C ARG D 52 0.71 -21.46 30.71
N ALA D 53 1.19 -22.12 29.67
CA ALA D 53 2.26 -21.59 28.84
C ALA D 53 2.00 -20.17 28.37
N LEU D 54 0.80 -19.93 27.88
CA LEU D 54 0.46 -18.60 27.39
C LEU D 54 0.43 -17.62 28.55
N LEU D 55 -0.27 -18.02 29.62
CA LEU D 55 -0.42 -17.16 30.80
C LEU D 55 0.93 -16.75 31.39
N ALA D 56 1.91 -17.64 31.27
CA ALA D 56 3.25 -17.40 31.79
C ALA D 56 3.93 -16.26 31.04
N VAL D 57 3.47 -15.97 29.83
CA VAL D 57 4.01 -14.82 29.12
C VAL D 57 2.88 -13.87 28.80
N ASP D 58 1.90 -13.85 29.70
CA ASP D 58 0.85 -12.85 29.70
C ASP D 58 0.07 -12.85 28.40
N ILE D 59 -0.04 -14.01 27.79
CA ILE D 59 -1.04 -14.19 26.76
C ILE D 59 -2.29 -14.66 27.50
N ASP D 60 -3.14 -13.70 27.87
CA ASP D 60 -4.27 -13.98 28.75
C ASP D 60 -5.61 -13.66 28.10
N LYS D 61 -5.63 -13.67 26.77
CA LYS D 61 -6.84 -13.47 26.00
C LYS D 61 -6.86 -14.40 24.79
N VAL D 62 -7.89 -15.22 24.66
CA VAL D 62 -7.99 -16.09 23.49
C VAL D 62 -9.41 -16.13 22.95
N ARG D 63 -9.50 -16.54 21.71
CA ARG D 63 -10.76 -16.88 21.09
C ARG D 63 -10.72 -18.40 20.89
N LEU D 64 -11.75 -19.10 21.31
CA LEU D 64 -11.84 -20.55 21.07
C LEU D 64 -12.97 -20.83 20.10
N GLU D 65 -12.68 -21.48 18.97
CA GLU D 65 -13.67 -21.68 17.93
C GLU D 65 -13.88 -23.15 17.64
N GLY D 66 -15.14 -23.59 17.74
CA GLY D 66 -15.49 -24.96 17.47
C GLY D 66 -15.89 -25.19 16.03
N HIS D 67 -15.39 -26.27 15.44
CA HIS D 67 -15.69 -26.56 14.04
C HIS D 67 -16.15 -28.00 13.82
N THR D 68 -17.07 -28.17 12.87
CA THR D 68 -17.47 -29.50 12.40
C THR D 68 -17.24 -29.62 10.90
N ASP D 69 -17.41 -30.84 10.39
CA ASP D 69 -17.50 -31.02 8.94
C ASP D 69 -18.93 -30.70 8.50
N ASN D 70 -19.31 -31.14 7.31
CA ASN D 70 -20.59 -30.71 6.72
C ASN D 70 -21.72 -31.76 6.79
N TYR D 71 -21.40 -32.94 7.31
CA TYR D 71 -22.38 -34.00 7.54
C TYR D 71 -23.30 -33.70 8.72
N GLY D 72 -24.62 -33.68 8.48
CA GLY D 72 -25.58 -33.51 9.55
C GLY D 72 -26.34 -32.20 9.54
N ASP D 73 -27.38 -32.11 10.37
CA ASP D 73 -28.17 -30.88 10.48
C ASP D 73 -27.29 -29.69 10.86
N GLU D 74 -27.51 -28.56 10.15
CA GLU D 74 -26.70 -27.36 10.31
C GLU D 74 -26.77 -26.76 11.71
N GLY D 75 -27.97 -26.78 12.30
CA GLY D 75 -28.17 -26.24 13.63
C GLY D 75 -27.50 -27.09 14.69
N TYR D 76 -27.57 -28.40 14.56
CA TYR D 76 -26.97 -29.30 15.53
C TYR D 76 -25.45 -29.16 15.48
N ASN D 77 -24.90 -29.06 14.29
CA ASN D 77 -23.45 -28.96 14.16
C ASN D 77 -22.92 -27.67 14.78
N GLN D 78 -23.68 -26.59 14.61
CA GLN D 78 -23.42 -25.32 15.27
C GLN D 78 -23.39 -25.49 16.79
N LYS D 79 -24.47 -26.07 17.33
CA LYS D 79 -24.59 -26.32 18.76
C LYS D 79 -23.42 -27.14 19.30
N LEU D 80 -23.14 -28.25 18.64
CA LEU D 80 -22.06 -29.14 19.07
C LEU D 80 -20.71 -28.44 19.09
N SER D 81 -20.44 -27.63 18.06
CA SER D 81 -19.15 -26.98 17.93
C SER D 81 -19.01 -25.89 18.99
N GLU D 82 -20.14 -25.29 19.39
CA GLU D 82 -20.18 -24.26 20.43
C GLU D 82 -19.91 -24.85 21.82
N ARG D 83 -20.54 -25.99 22.10
CA ARG D 83 -20.36 -26.66 23.37
C ARG D 83 -18.93 -27.19 23.50
N ARG D 84 -18.37 -27.62 22.39
CA ARG D 84 -17.01 -28.13 22.36
C ARG D 84 -15.98 -27.04 22.64
N ALA D 85 -16.17 -25.90 21.99
CA ALA D 85 -15.39 -24.71 22.29
C ALA D 85 -15.55 -24.30 23.76
N GLU D 86 -16.77 -24.42 24.27
CA GLU D 86 -17.01 -24.05 25.66
C GLU D 86 -16.28 -25.02 26.59
N SER D 87 -16.15 -26.29 26.19
CA SER D 87 -15.46 -27.23 27.09
C SER D 87 -14.00 -26.84 27.24
N VAL D 88 -13.43 -26.31 26.16
CA VAL D 88 -12.05 -25.86 26.16
C VAL D 88 -11.91 -24.56 26.99
N ALA D 89 -12.89 -23.67 26.91
CA ALA D 89 -12.83 -22.42 27.68
C ALA D 89 -12.85 -22.71 29.18
N ALA D 90 -13.58 -23.76 29.56
CA ALA D 90 -13.65 -24.14 30.97
C ALA D 90 -12.28 -24.59 31.47
N VAL D 91 -11.53 -25.28 30.62
CA VAL D 91 -10.18 -25.69 31.01
C VAL D 91 -9.31 -24.47 31.15
N PHE D 92 -9.47 -23.53 30.23
CA PHE D 92 -8.69 -22.33 30.24
C PHE D 92 -9.03 -21.48 31.49
N ARG D 93 -10.31 -21.33 31.82
CA ARG D 93 -10.67 -20.62 33.07
C ARG D 93 -10.06 -21.29 34.29
N GLU D 94 -10.21 -22.60 34.39
CA GLU D 94 -9.69 -23.35 35.52
C GLU D 94 -8.16 -23.18 35.63
N ALA D 95 -7.52 -22.99 34.48
CA ALA D 95 -6.07 -22.77 34.45
C ALA D 95 -5.68 -21.36 34.90
N GLY D 96 -6.66 -20.47 35.06
CA GLY D 96 -6.34 -19.12 35.51
C GLY D 96 -6.52 -18.01 34.50
N MET D 97 -7.09 -18.31 33.35
CA MET D 97 -7.38 -17.25 32.39
C MET D 97 -8.74 -16.64 32.73
N PRO D 98 -8.80 -15.31 32.87
CA PRO D 98 -10.07 -14.64 33.22
C PRO D 98 -11.17 -14.94 32.21
N ALA D 99 -12.36 -15.19 32.74
CA ALA D 99 -13.50 -15.57 31.91
C ALA D 99 -13.88 -14.51 30.87
N ALA D 100 -13.76 -13.24 31.24
CA ALA D 100 -14.10 -12.16 30.30
C ALA D 100 -13.06 -12.04 29.21
N ASN D 101 -11.97 -12.79 29.35
CA ASN D 101 -10.88 -12.70 28.39
C ASN D 101 -10.97 -13.84 27.35
N ILE D 102 -11.91 -14.75 27.57
CA ILE D 102 -12.14 -15.85 26.65
C ILE D 102 -13.39 -15.63 25.81
N GLU D 103 -13.24 -15.75 24.49
CA GLU D 103 -14.33 -15.61 23.53
C GLU D 103 -14.64 -16.93 22.81
N VAL D 104 -15.85 -17.44 22.98
CA VAL D 104 -16.25 -18.76 22.46
C VAL D 104 -17.22 -18.67 21.28
N ARG D 105 -16.90 -19.35 20.18
CA ARG D 105 -17.71 -19.36 18.97
C ARG D 105 -17.89 -20.78 18.44
N GLY D 106 -19.13 -21.17 18.19
CA GLY D 106 -19.42 -22.40 17.48
C GLY D 106 -19.65 -22.03 16.02
N LEU D 107 -18.76 -22.47 15.13
CA LEU D 107 -18.91 -22.07 13.72
C LEU D 107 -19.48 -23.18 12.87
N GLY D 108 -19.84 -24.30 13.49
CA GLY D 108 -20.42 -25.42 12.77
C GLY D 108 -19.60 -25.76 11.54
N MET D 109 -20.29 -26.00 10.43
CA MET D 109 -19.65 -26.32 9.15
C MET D 109 -19.12 -25.12 8.37
N SER D 110 -19.26 -23.91 8.91
CA SER D 110 -19.16 -22.70 8.08
C SER D 110 -17.75 -22.21 7.75
N LYS D 111 -16.73 -22.74 8.41
CA LYS D 111 -15.37 -22.28 8.17
C LYS D 111 -14.38 -23.44 8.07
N PRO D 112 -14.49 -24.23 7.00
CA PRO D 112 -13.58 -25.37 6.87
C PRO D 112 -12.13 -24.95 6.64
N VAL D 113 -11.21 -25.77 7.14
CA VAL D 113 -9.79 -25.49 7.03
C VAL D 113 -9.23 -26.47 5.99
N ALA D 114 -10.00 -27.52 5.72
CA ALA D 114 -9.64 -28.51 4.71
C ALA D 114 -10.88 -28.90 3.90
N ASP D 115 -10.71 -29.87 3.00
CA ASP D 115 -11.71 -30.21 1.99
C ASP D 115 -12.74 -31.23 2.46
N ASN D 116 -14.02 -30.86 2.41
CA ASN D 116 -15.09 -31.76 2.85
C ASN D 116 -15.45 -32.80 1.80
N LYS D 117 -14.66 -32.82 0.73
CA LYS D 117 -14.84 -33.82 -0.33
C LYS D 117 -14.18 -35.11 0.09
N THR D 118 -13.06 -35.00 0.81
CA THR D 118 -12.27 -36.16 1.23
C THR D 118 -12.51 -36.60 2.68
N ARG D 119 -12.25 -37.87 2.96
CA ARG D 119 -12.33 -38.39 4.33
C ARG D 119 -11.40 -37.62 5.25
N ALA D 120 -10.16 -37.47 4.82
CA ALA D 120 -9.11 -36.84 5.61
C ALA D 120 -9.42 -35.38 5.88
N GLY D 121 -10.06 -34.72 4.91
CA GLY D 121 -10.38 -33.31 5.03
C GLY D 121 -11.50 -33.08 6.02
N ARG D 122 -12.41 -34.04 6.10
CA ARG D 122 -13.55 -33.92 7.01
C ARG D 122 -13.13 -34.07 8.47
N SER D 123 -12.13 -34.90 8.75
CA SER D 123 -11.68 -35.09 10.11
C SER D 123 -10.81 -33.89 10.55
N GLU D 124 -10.11 -33.30 9.59
CA GLU D 124 -9.36 -32.07 9.84
C GLU D 124 -10.31 -30.93 10.22
N ASN D 125 -11.46 -30.89 9.57
CA ASN D 125 -12.47 -29.87 9.85
C ASN D 125 -13.10 -30.03 11.22
N ARG D 126 -13.09 -31.23 11.78
CA ARG D 126 -13.69 -31.44 13.08
C ARG D 126 -12.65 -31.13 14.14
N ARG D 127 -12.74 -29.93 14.71
N ARG D 127 -12.72 -29.93 14.70
CA ARG D 127 -11.66 -29.41 15.54
CA ARG D 127 -11.68 -29.46 15.59
C ARG D 127 -12.11 -28.24 16.41
C ARG D 127 -12.09 -28.23 16.39
N VAL D 128 -11.33 -27.97 17.44
CA VAL D 128 -11.45 -26.71 18.18
C VAL D 128 -10.17 -25.94 17.90
N ALA D 129 -10.32 -24.70 17.49
CA ALA D 129 -9.18 -23.80 17.24
C ALA D 129 -8.97 -22.86 18.41
N ILE D 130 -7.75 -22.81 18.93
CA ILE D 130 -7.36 -21.80 19.90
C ILE D 130 -6.75 -20.64 19.12
N ILE D 131 -7.32 -19.46 19.29
CA ILE D 131 -6.89 -18.26 18.55
C ILE D 131 -6.32 -17.20 19.48
N VAL D 132 -5.14 -16.70 19.15
CA VAL D 132 -4.60 -15.54 19.84
C VAL D 132 -4.63 -14.38 18.85
N PRO D 133 -5.67 -13.54 18.94
CA PRO D 133 -5.92 -12.49 17.95
C PRO D 133 -4.74 -11.54 17.82
N ALA D 134 -4.11 -11.51 16.64
CA ALA D 134 -3.00 -10.61 16.44
C ALA D 134 -3.04 -9.94 15.08
N GLU D 135 -2.29 -8.84 14.97
CA GLU D 135 -1.91 -8.23 13.70
C GLU D 135 -0.91 -7.09 13.94
S SO4 E . -28.19 23.72 -24.66
O1 SO4 E . -27.56 25.05 -24.78
O2 SO4 E . -27.43 22.91 -23.67
O3 SO4 E . -29.58 23.86 -24.20
O4 SO4 E . -28.16 23.03 -25.97
#